data_8E5W
#
_entry.id   8E5W
#
_cell.length_a   104.891
_cell.length_b   104.891
_cell.length_c   127.802
_cell.angle_alpha   90.000
_cell.angle_beta   90.000
_cell.angle_gamma   120.000
#
_symmetry.space_group_name_H-M   'P 31 2 1'
#
loop_
_entity.id
_entity.type
_entity.pdbx_description
1 polymer Protease
2 non-polymer 'PALMITIC ACID'
3 non-polymer 'SULFATE ION'
4 non-polymer DI(HYDROXYETHYL)ETHER
5 water water
#
_entity_poly.entity_id   1
_entity_poly.type   'polypeptide(L)'
_entity_poly.pdbx_seq_one_letter_code
;GPLGSPEFEPKLGQPVEWTPCRSSNPQVKIPGGALCGKLAVPVDYDRPDGDVAALALIRFPATGDKIGSLVINPGGPGES
GIEAALGVFQTLPKRVHERFDLVGFDPRGVASSRPAIWCNSDADNDRLRAEPQVDYSREGVAHIENETKQFVGRCVDKMG
KNFLAHVGTVNVAKDLDAIRAALGDDKLTYLGYSYGTRIGSAYAEEFPQRVRAMILDGAVDPNADPIEAELRQAKGFQDA
FNNYAADCAKNAGCPLGADPAKAVEVYHSLVDPLVDPDNPRISRPARTKDPRGLSYSDAIVGTIMALYSPNLWQHLTDGL
SELVDNRGDTLLALADMYMRRDSHGRYNNSGDARVAINCVDQPPVTDRDKVIDEDRRAREIAPFMSYGKFTGDAPLGTCA
FWPVPPTSQPHAVSAPGLVPTVVVSTTHDPATPYKAGVDLANQLRGSLLTFDGTQHTVVFQGDSCIDEYVTAYLIGGTTP
PSGAKC
;
_entity_poly.pdbx_strand_id   A
#
loop_
_chem_comp.id
_chem_comp.type
_chem_comp.name
_chem_comp.formula
PEG non-polymer DI(HYDROXYETHYL)ETHER 'C4 H10 O3'
PLM non-polymer 'PALMITIC ACID' 'C16 H32 O2'
SO4 non-polymer 'SULFATE ION' 'O4 S -2'
#
# COMPACT_ATOMS: atom_id res chain seq x y z
N PRO A 10 -4.85 22.66 15.50
CA PRO A 10 -3.80 22.57 16.52
C PRO A 10 -2.80 23.73 16.46
N LYS A 11 -2.11 23.98 17.57
CA LYS A 11 -1.12 25.03 17.65
C LYS A 11 0.27 24.43 17.56
N LEU A 12 1.08 24.94 16.62
CA LEU A 12 2.45 24.48 16.48
C LEU A 12 3.21 24.64 17.80
N GLY A 13 3.80 23.54 18.27
CA GLY A 13 4.47 23.51 19.55
C GLY A 13 3.57 23.22 20.74
N GLN A 14 2.25 23.37 20.58
CA GLN A 14 1.35 23.12 21.69
C GLN A 14 1.12 21.62 21.85
N PRO A 15 0.98 21.15 23.09
CA PRO A 15 0.79 19.70 23.30
C PRO A 15 -0.56 19.23 22.76
N VAL A 16 -0.62 17.92 22.48
CA VAL A 16 -1.83 17.32 21.94
C VAL A 16 -2.91 17.36 23.00
N GLU A 17 -4.07 17.92 22.63
CA GLU A 17 -5.26 17.86 23.46
C GLU A 17 -6.00 16.57 23.11
N TRP A 18 -5.96 15.60 24.02
CA TRP A 18 -6.63 14.33 23.81
C TRP A 18 -8.07 14.40 24.28
N THR A 19 -8.96 13.76 23.52
CA THR A 19 -10.36 13.62 23.87
C THR A 19 -10.86 12.27 23.40
N PRO A 20 -11.86 11.70 24.07
CA PRO A 20 -12.41 10.41 23.62
C PRO A 20 -12.86 10.47 22.17
N CYS A 21 -12.49 9.46 21.40
CA CYS A 21 -12.87 9.41 20.00
C CYS A 21 -14.37 9.16 19.85
N ARG A 22 -14.94 9.67 18.77
CA ARG A 22 -16.37 9.52 18.49
C ARG A 22 -16.60 9.09 17.05
N ILE A 30 -16.20 2.87 19.76
CA ILE A 30 -14.77 2.75 19.55
C ILE A 30 -14.17 1.94 20.69
N PRO A 31 -13.39 0.91 20.35
CA PRO A 31 -12.87 0.01 21.39
C PRO A 31 -12.03 0.74 22.41
N GLY A 32 -11.86 0.11 23.57
CA GLY A 32 -11.08 0.67 24.63
C GLY A 32 -11.57 2.05 25.06
N GLY A 33 -10.69 2.76 25.76
CA GLY A 33 -10.90 4.17 26.01
C GLY A 33 -10.09 4.98 25.03
N ALA A 34 -10.34 4.75 23.75
CA ALA A 34 -9.54 5.37 22.71
C ALA A 34 -9.59 6.88 22.83
N LEU A 35 -8.43 7.51 22.69
CA LEU A 35 -8.30 8.96 22.71
C LEU A 35 -7.83 9.45 21.35
N CYS A 36 -8.36 10.60 20.93
CA CYS A 36 -8.07 11.18 19.64
C CYS A 36 -7.58 12.62 19.84
N GLY A 37 -6.72 13.06 18.93
CA GLY A 37 -6.17 14.40 19.00
C GLY A 37 -5.41 14.71 17.74
N LYS A 38 -4.99 15.97 17.63
CA LYS A 38 -4.30 16.47 16.45
C LYS A 38 -2.96 17.09 16.85
N LEU A 39 -2.00 17.00 15.95
CA LEU A 39 -0.68 17.57 16.14
C LEU A 39 -0.33 18.45 14.94
N ALA A 40 0.05 19.69 15.21
CA ALA A 40 0.44 20.61 14.15
C ALA A 40 1.89 20.40 13.77
N VAL A 41 2.14 20.33 12.46
CA VAL A 41 3.50 20.25 11.93
C VAL A 41 3.64 21.27 10.79
N PRO A 42 4.82 21.82 10.56
CA PRO A 42 4.98 22.74 9.42
C PRO A 42 4.89 22.00 8.11
N VAL A 43 4.24 22.61 7.13
CA VAL A 43 4.21 22.03 5.79
C VAL A 43 5.62 21.94 5.23
N ASP A 44 6.40 23.01 5.40
CA ASP A 44 7.78 23.11 4.93
C ASP A 44 8.66 23.32 6.17
N TYR A 45 9.46 22.31 6.51
CA TYR A 45 10.30 22.41 7.69
C TYR A 45 11.35 23.50 7.56
N ASP A 46 11.68 23.92 6.34
CA ASP A 46 12.53 25.08 6.13
C ASP A 46 11.78 26.40 6.27
N ARG A 47 10.46 26.36 6.43
CA ARG A 47 9.65 27.56 6.64
C ARG A 47 8.72 27.31 7.83
N PRO A 48 9.28 27.16 9.03
CA PRO A 48 8.46 26.80 10.19
C PRO A 48 7.35 27.80 10.48
N ASP A 49 7.56 29.08 10.17
CA ASP A 49 6.56 30.11 10.39
C ASP A 49 5.58 30.23 9.24
N GLY A 50 5.43 29.18 8.42
CA GLY A 50 4.54 29.22 7.29
C GLY A 50 3.32 28.35 7.45
N ASP A 51 2.79 27.85 6.33
CA ASP A 51 1.60 27.01 6.37
C ASP A 51 1.82 25.81 7.29
N VAL A 52 0.73 25.33 7.87
CA VAL A 52 0.76 24.28 8.88
C VAL A 52 -0.17 23.16 8.45
N ALA A 53 0.20 21.93 8.82
CA ALA A 53 -0.64 20.76 8.61
C ALA A 53 -1.03 20.20 9.98
N ALA A 54 -2.25 19.67 10.06
CA ALA A 54 -2.78 19.10 11.30
C ALA A 54 -2.87 17.59 11.13
N LEU A 55 -2.04 16.86 11.87
CA LEU A 55 -1.99 15.40 11.79
C LEU A 55 -2.96 14.80 12.79
N ALA A 56 -3.82 13.91 12.32
CA ALA A 56 -4.78 13.23 13.18
C ALA A 56 -4.16 12.01 13.83
N LEU A 57 -4.40 11.86 15.14
CA LEU A 57 -3.82 10.77 15.93
C LEU A 57 -4.91 10.02 16.68
N ILE A 58 -4.64 8.74 16.96
CA ILE A 58 -5.48 7.93 17.82
C ILE A 58 -4.57 7.18 18.79
N ARG A 59 -5.08 6.94 19.99
CA ARG A 59 -4.26 6.41 21.09
C ARG A 59 -5.11 5.46 21.93
N PHE A 60 -4.64 4.21 22.05
CA PHE A 60 -5.27 3.22 22.93
C PHE A 60 -4.38 2.99 24.14
N PRO A 61 -4.70 3.56 25.30
CA PRO A 61 -3.74 3.51 26.42
C PRO A 61 -3.44 2.09 26.90
N ALA A 62 -2.18 1.89 27.27
CA ALA A 62 -1.74 0.62 27.82
C ALA A 62 -2.56 0.25 29.04
N THR A 63 -2.69 -1.06 29.30
CA THR A 63 -3.45 -1.55 30.43
C THR A 63 -2.58 -1.93 31.63
N GLY A 64 -1.26 -1.99 31.47
CA GLY A 64 -0.35 -2.37 32.54
C GLY A 64 0.76 -1.33 32.68
N ASP A 65 1.96 -1.82 32.99
CA ASP A 65 3.13 -0.95 33.16
C ASP A 65 3.58 -0.43 31.81
N LYS A 66 3.37 0.85 31.54
CA LYS A 66 3.58 1.41 30.22
C LYS A 66 5.07 1.60 29.96
N ILE A 67 5.56 1.00 28.88
CA ILE A 67 6.91 1.27 28.39
C ILE A 67 6.91 2.54 27.56
N GLY A 68 5.89 2.71 26.73
CA GLY A 68 5.83 3.83 25.81
C GLY A 68 4.70 3.61 24.83
N SER A 69 4.77 4.31 23.71
CA SER A 69 3.78 4.14 22.64
C SER A 69 4.34 3.25 21.54
N LEU A 70 3.50 2.37 21.02
CA LEU A 70 3.79 1.62 19.81
C LEU A 70 3.09 2.35 18.66
N VAL A 71 3.88 3.02 17.82
CA VAL A 71 3.35 3.79 16.70
C VAL A 71 3.39 2.93 15.45
N ILE A 72 2.27 2.88 14.73
CA ILE A 72 2.17 2.03 13.55
C ILE A 72 1.89 2.88 12.32
N ASN A 73 2.27 2.33 11.17
CA ASN A 73 1.83 2.83 9.88
C ASN A 73 1.43 1.63 9.02
N PRO A 74 0.25 1.64 8.40
CA PRO A 74 -0.19 0.46 7.65
C PRO A 74 0.30 0.37 6.22
N GLY A 75 0.93 1.41 5.70
CA GLY A 75 1.47 1.35 4.36
C GLY A 75 0.70 2.15 3.33
N GLY A 76 0.66 1.63 2.11
CA GLY A 76 0.01 2.33 1.02
C GLY A 76 1.00 2.74 -0.05
N PRO A 77 1.42 4.01 -0.05
CA PRO A 77 1.01 5.11 0.85
C PRO A 77 -0.45 5.52 0.65
N GLY A 78 -0.94 6.43 1.48
CA GLY A 78 -2.32 6.87 1.41
C GLY A 78 -3.28 6.15 2.34
N GLU A 79 -2.81 5.18 3.12
CA GLU A 79 -3.66 4.43 4.03
C GLU A 79 -3.70 5.09 5.40
N SER A 80 -4.89 5.11 6.01
CA SER A 80 -5.07 5.75 7.30
C SER A 80 -4.46 4.91 8.41
N GLY A 81 -3.57 5.52 9.21
CA GLY A 81 -3.06 4.85 10.39
C GLY A 81 -4.06 4.79 11.52
N ILE A 82 -5.02 5.71 11.56
CA ILE A 82 -6.07 5.63 12.56
C ILE A 82 -6.94 4.41 12.33
N GLU A 83 -7.42 4.23 11.09
CA GLU A 83 -8.19 3.03 10.76
C GLU A 83 -7.39 1.77 11.05
N ALA A 84 -6.09 1.78 10.73
CA ALA A 84 -5.27 0.59 10.94
C ALA A 84 -5.14 0.29 12.43
N ALA A 85 -4.85 1.32 13.24
CA ALA A 85 -4.76 1.12 14.68
C ALA A 85 -6.05 0.52 15.23
N LEU A 86 -7.20 0.93 14.70
CA LEU A 86 -8.47 0.35 15.13
C LEU A 86 -8.54 -1.13 14.78
N GLY A 87 -8.03 -1.51 13.60
CA GLY A 87 -7.99 -2.91 13.25
C GLY A 87 -6.97 -3.69 14.05
N VAL A 88 -5.77 -3.12 14.21
CA VAL A 88 -4.71 -3.80 14.95
C VAL A 88 -5.13 -4.03 16.40
N PHE A 89 -5.87 -3.08 16.98
CA PHE A 89 -6.29 -3.20 18.37
C PHE A 89 -6.97 -4.55 18.62
N GLN A 90 -7.75 -5.02 17.65
CA GLN A 90 -8.51 -6.25 17.84
C GLN A 90 -7.61 -7.49 17.84
N THR A 91 -6.45 -7.42 17.20
CA THR A 91 -5.53 -8.55 17.12
C THR A 91 -4.25 -8.32 17.89
N LEU A 92 -4.20 -7.29 18.73
CA LEU A 92 -2.99 -6.97 19.47
C LEU A 92 -2.76 -8.01 20.57
N PRO A 93 -1.57 -8.60 20.66
CA PRO A 93 -1.29 -9.50 21.78
C PRO A 93 -1.49 -8.82 23.12
N LYS A 94 -2.02 -9.59 24.08
CA LYS A 94 -2.28 -9.05 25.42
C LYS A 94 -1.06 -8.37 25.99
N ARG A 95 0.12 -9.00 25.86
CA ARG A 95 1.33 -8.43 26.45
C ARG A 95 1.66 -7.08 25.85
N VAL A 96 1.47 -6.92 24.53
CA VAL A 96 1.73 -5.62 23.90
C VAL A 96 0.72 -4.59 24.38
N HIS A 97 -0.55 -4.98 24.48
CA HIS A 97 -1.58 -4.09 25.01
C HIS A 97 -1.26 -3.64 26.43
N GLU A 98 -0.63 -4.52 27.23
CA GLU A 98 -0.29 -4.17 28.60
C GLU A 98 0.81 -3.13 28.66
N ARG A 99 1.83 -3.25 27.80
CA ARG A 99 3.05 -2.49 27.97
C ARG A 99 3.16 -1.28 27.06
N PHE A 100 2.25 -1.13 26.09
CA PHE A 100 2.35 -0.03 25.14
C PHE A 100 1.00 0.62 24.91
N ASP A 101 1.01 1.96 24.78
CA ASP A 101 -0.08 2.67 24.13
C ASP A 101 -0.02 2.38 22.63
N LEU A 102 -1.10 1.86 22.05
CA LEU A 102 -1.16 1.66 20.62
C LEU A 102 -1.59 2.97 19.96
N VAL A 103 -0.74 3.52 19.10
CA VAL A 103 -0.97 4.83 18.51
C VAL A 103 -0.93 4.69 16.99
N GLY A 104 -1.98 5.18 16.34
CA GLY A 104 -1.98 5.31 14.90
C GLY A 104 -2.01 6.78 14.52
N PHE A 105 -1.55 7.10 13.32
CA PHE A 105 -1.57 8.48 12.84
C PHE A 105 -1.81 8.47 11.35
N ASP A 106 -2.54 9.47 10.88
CA ASP A 106 -2.74 9.68 9.45
C ASP A 106 -1.60 10.56 8.94
N PRO A 107 -0.72 10.05 8.06
CA PRO A 107 0.37 10.89 7.55
C PRO A 107 -0.14 12.19 6.96
N ARG A 108 0.75 13.17 6.81
CA ARG A 108 0.38 14.42 6.18
C ARG A 108 -0.28 14.15 4.84
N GLY A 109 -1.45 14.75 4.64
CA GLY A 109 -2.19 14.63 3.40
C GLY A 109 -3.12 13.45 3.30
N VAL A 110 -3.19 12.60 4.32
CA VAL A 110 -3.90 11.33 4.25
C VAL A 110 -5.11 11.36 5.18
N ALA A 111 -6.26 10.90 4.66
CA ALA A 111 -7.44 10.61 5.46
C ALA A 111 -7.90 11.79 6.30
N SER A 112 -7.78 11.69 7.63
CA SER A 112 -8.30 12.73 8.51
C SER A 112 -7.31 13.86 8.77
N SER A 113 -6.07 13.74 8.30
CA SER A 113 -5.13 14.84 8.44
C SER A 113 -5.48 15.95 7.46
N ARG A 114 -5.07 17.18 7.80
CA ARG A 114 -5.46 18.35 7.01
C ARG A 114 -4.26 19.23 6.73
N PRO A 115 -4.14 19.77 5.50
CA PRO A 115 -5.03 19.49 4.37
C PRO A 115 -4.86 18.06 3.83
N ALA A 116 -5.92 17.55 3.21
CA ALA A 116 -5.94 16.19 2.68
C ALA A 116 -5.78 16.22 1.16
N ILE A 117 -4.93 15.34 0.65
CA ILE A 117 -4.72 15.26 -0.79
C ILE A 117 -6.01 14.85 -1.47
N TRP A 118 -6.51 15.69 -2.37
CA TRP A 118 -7.65 15.36 -3.22
C TRP A 118 -7.32 15.77 -4.64
N CYS A 119 -7.57 14.86 -5.58
CA CYS A 119 -7.44 15.15 -7.01
C CYS A 119 -8.72 14.85 -7.76
N ASN A 120 -9.26 13.65 -7.61
CA ASN A 120 -10.40 13.18 -8.39
C ASN A 120 -11.69 13.29 -7.59
N SER A 121 -12.75 13.72 -8.27
CA SER A 121 -14.08 13.55 -7.74
C SER A 121 -14.46 12.07 -7.78
N ASP A 122 -15.53 11.71 -7.06
CA ASP A 122 -16.04 10.35 -7.14
C ASP A 122 -16.36 9.99 -8.58
N ALA A 123 -16.87 10.95 -9.36
CA ALA A 123 -17.23 10.69 -10.74
C ALA A 123 -15.98 10.47 -11.60
N ASP A 124 -14.92 11.25 -11.36
CA ASP A 124 -13.67 11.04 -12.09
C ASP A 124 -13.21 9.59 -11.96
N ASN A 125 -13.23 9.06 -10.73
CA ASN A 125 -12.76 7.70 -10.50
C ASN A 125 -13.68 6.68 -11.14
N ASP A 126 -15.00 6.84 -10.95
CA ASP A 126 -15.96 5.93 -11.57
C ASP A 126 -15.78 5.89 -13.09
N ARG A 127 -15.59 7.05 -13.71
CA ARG A 127 -15.50 7.09 -15.17
C ARG A 127 -14.26 6.36 -15.66
N LEU A 128 -13.16 6.46 -14.92
CA LEU A 128 -11.94 5.76 -15.31
C LEU A 128 -12.09 4.25 -15.16
N ARG A 129 -12.73 3.80 -14.08
CA ARG A 129 -12.90 2.36 -13.85
C ARG A 129 -13.84 1.72 -14.87
N ALA A 130 -14.70 2.49 -15.52
CA ALA A 130 -15.58 1.94 -16.54
C ALA A 130 -14.83 1.60 -17.82
N GLU A 131 -13.60 2.09 -17.97
CA GLU A 131 -12.83 1.88 -19.19
C GLU A 131 -12.06 0.57 -19.11
N PRO A 132 -11.96 -0.18 -20.22
CA PRO A 132 -11.15 -1.41 -20.19
C PRO A 132 -9.69 -1.14 -19.85
N GLN A 133 -9.13 -0.02 -20.32
CA GLN A 133 -7.74 0.34 -20.08
C GLN A 133 -6.76 -0.69 -20.64
N VAL A 134 -7.11 -1.31 -21.77
CA VAL A 134 -6.25 -2.27 -22.43
C VAL A 134 -5.68 -1.78 -23.75
N ASP A 135 -6.20 -0.67 -24.30
CA ASP A 135 -5.80 -0.22 -25.63
C ASP A 135 -4.47 0.51 -25.52
N TYR A 136 -3.39 -0.16 -25.94
CA TYR A 136 -2.05 0.41 -25.92
C TYR A 136 -1.55 0.75 -27.32
N SER A 137 -2.46 0.91 -28.29
CA SER A 137 -2.08 1.54 -29.53
C SER A 137 -1.65 2.98 -29.26
N ARG A 138 -1.08 3.62 -30.30
CA ARG A 138 -0.74 5.03 -30.18
C ARG A 138 -1.94 5.85 -29.72
N GLU A 139 -3.11 5.60 -30.31
CA GLU A 139 -4.31 6.33 -29.90
C GLU A 139 -4.66 6.03 -28.45
N GLY A 140 -4.57 4.77 -28.04
CA GLY A 140 -4.88 4.42 -26.66
C GLY A 140 -3.88 5.00 -25.67
N VAL A 141 -2.60 4.98 -26.03
CA VAL A 141 -1.60 5.59 -25.16
C VAL A 141 -1.88 7.08 -25.01
N ALA A 142 -2.14 7.76 -26.14
CA ALA A 142 -2.45 9.18 -26.10
C ALA A 142 -3.63 9.47 -25.18
N HIS A 143 -4.67 8.64 -25.26
CA HIS A 143 -5.86 8.86 -24.43
C HIS A 143 -5.52 8.73 -22.95
N ILE A 144 -4.77 7.69 -22.59
CA ILE A 144 -4.37 7.49 -21.20
C ILE A 144 -3.56 8.68 -20.71
N GLU A 145 -2.58 9.11 -21.49
CA GLU A 145 -1.72 10.19 -21.05
C GLU A 145 -2.48 11.50 -20.97
N ASN A 146 -3.47 11.71 -21.84
CA ASN A 146 -4.31 12.90 -21.70
C ASN A 146 -5.09 12.86 -20.39
N GLU A 147 -5.71 11.72 -20.09
CA GLU A 147 -6.37 11.56 -18.79
C GLU A 147 -5.42 11.86 -17.65
N THR A 148 -4.19 11.36 -17.75
CA THR A 148 -3.20 11.55 -16.70
C THR A 148 -2.85 13.03 -16.53
N LYS A 149 -2.71 13.76 -17.64
CA LYS A 149 -2.40 15.18 -17.54
C LYS A 149 -3.54 15.93 -16.87
N GLN A 150 -4.78 15.54 -17.14
CA GLN A 150 -5.93 16.20 -16.52
C GLN A 150 -6.01 15.87 -15.04
N PHE A 151 -5.65 14.63 -14.67
CA PHE A 151 -5.56 14.28 -13.26
C PHE A 151 -4.58 15.19 -12.54
N VAL A 152 -3.36 15.33 -13.08
CA VAL A 152 -2.34 16.14 -12.43
C VAL A 152 -2.81 17.58 -12.30
N GLY A 153 -3.46 18.11 -13.34
CA GLY A 153 -4.01 19.45 -13.25
C GLY A 153 -4.99 19.60 -12.09
N ARG A 154 -5.80 18.57 -11.84
CA ARG A 154 -6.75 18.64 -10.75
C ARG A 154 -6.04 18.65 -9.40
N CYS A 155 -5.01 17.81 -9.24
CA CYS A 155 -4.23 17.84 -8.00
C CYS A 155 -3.68 19.23 -7.73
N VAL A 156 -3.12 19.86 -8.77
CA VAL A 156 -2.55 21.20 -8.61
C VAL A 156 -3.64 22.20 -8.29
N ASP A 157 -4.79 22.11 -8.98
CA ASP A 157 -5.86 23.06 -8.75
C ASP A 157 -6.38 22.98 -7.32
N LYS A 158 -6.54 21.76 -6.79
CA LYS A 158 -7.14 21.57 -5.48
C LYS A 158 -6.12 21.69 -4.35
N MET A 159 -4.92 21.19 -4.55
CA MET A 159 -3.83 21.31 -3.59
C MET A 159 -2.85 22.37 -4.06
N GLY A 160 -2.09 22.91 -3.12
CA GLY A 160 -1.00 23.76 -3.51
C GLY A 160 0.10 22.96 -4.20
N LYS A 161 0.81 23.61 -5.11
CA LYS A 161 2.11 23.06 -5.51
C LYS A 161 3.00 22.92 -4.28
N ASN A 162 2.92 23.88 -3.35
CA ASN A 162 3.74 23.83 -2.15
C ASN A 162 3.40 22.61 -1.30
N PHE A 163 2.11 22.36 -1.07
CA PHE A 163 1.75 21.20 -0.26
C PHE A 163 2.13 19.90 -0.97
N LEU A 164 1.87 19.82 -2.28
CA LEU A 164 2.25 18.63 -3.03
C LEU A 164 3.75 18.37 -2.93
N ALA A 165 4.55 19.44 -2.95
CA ALA A 165 5.99 19.28 -2.93
C ALA A 165 6.51 18.69 -1.62
N HIS A 166 5.72 18.75 -0.55
CA HIS A 166 6.22 18.40 0.78
C HIS A 166 5.47 17.23 1.42
N VAL A 167 4.70 16.47 0.64
CA VAL A 167 3.97 15.33 1.20
C VAL A 167 4.82 14.07 1.29
N GLY A 168 6.07 14.12 0.85
CA GLY A 168 6.86 12.92 0.72
C GLY A 168 7.31 12.33 2.05
N THR A 169 7.84 11.10 1.94
CA THR A 169 8.23 10.34 3.12
C THR A 169 9.34 11.02 3.91
N VAL A 170 10.19 11.79 3.25
CA VAL A 170 11.27 12.48 3.97
C VAL A 170 10.67 13.41 5.03
N ASN A 171 9.53 14.01 4.73
CA ASN A 171 8.87 14.89 5.69
C ASN A 171 8.00 14.10 6.66
N VAL A 172 7.42 12.98 6.21
CA VAL A 172 6.70 12.11 7.14
C VAL A 172 7.61 11.66 8.26
N ALA A 173 8.88 11.38 7.95
CA ALA A 173 9.81 10.93 8.97
C ALA A 173 10.07 12.02 10.00
N LYS A 174 10.14 13.28 9.54
CA LYS A 174 10.27 14.40 10.48
C LYS A 174 9.01 14.54 11.32
N ASP A 175 7.84 14.43 10.68
CA ASP A 175 6.59 14.43 11.44
C ASP A 175 6.60 13.33 12.49
N LEU A 176 7.16 12.17 12.17
CA LEU A 176 7.15 11.05 13.09
C LEU A 176 7.94 11.36 14.35
N ASP A 177 9.06 12.09 14.22
CA ASP A 177 9.82 12.46 15.41
C ASP A 177 9.04 13.46 16.26
N ALA A 178 8.33 14.40 15.61
CA ALA A 178 7.45 15.30 16.34
C ALA A 178 6.36 14.52 17.06
N ILE A 179 5.82 13.49 16.41
CA ILE A 179 4.83 12.65 17.06
C ILE A 179 5.45 11.95 18.28
N ARG A 180 6.64 11.38 18.10
CA ARG A 180 7.33 10.76 19.24
C ARG A 180 7.40 11.71 20.42
N ALA A 181 7.87 12.95 20.20
CA ALA A 181 8.00 13.89 21.31
C ALA A 181 6.64 14.26 21.88
N ALA A 182 5.63 14.40 21.03
CA ALA A 182 4.31 14.78 21.50
C ALA A 182 3.64 13.67 22.31
N LEU A 183 4.06 12.42 22.12
CA LEU A 183 3.56 11.30 22.91
C LEU A 183 4.31 11.13 24.23
N GLY A 184 5.35 11.91 24.47
CA GLY A 184 6.13 11.79 25.69
C GLY A 184 7.17 10.70 25.69
N ASP A 185 7.50 10.15 24.53
CA ASP A 185 8.50 9.09 24.43
C ASP A 185 9.86 9.70 24.11
N ASP A 186 10.88 9.31 24.89
CA ASP A 186 12.25 9.72 24.58
C ASP A 186 12.75 9.05 23.29
N LYS A 187 12.22 7.86 22.98
CA LYS A 187 12.65 7.06 21.86
C LYS A 187 11.45 6.39 21.21
N LEU A 188 11.57 6.09 19.93
CA LEU A 188 10.45 5.60 19.13
C LEU A 188 10.42 4.08 19.11
N THR A 189 9.22 3.53 19.35
CA THR A 189 8.93 2.13 19.10
C THR A 189 7.94 2.08 17.95
N TYR A 190 8.34 1.46 16.84
CA TYR A 190 7.64 1.64 15.57
C TYR A 190 7.38 0.29 14.90
N LEU A 191 6.17 0.17 14.33
CA LEU A 191 5.81 -0.96 13.49
C LEU A 191 5.32 -0.41 12.16
N GLY A 192 5.99 -0.79 11.08
CA GLY A 192 5.61 -0.33 9.76
C GLY A 192 5.33 -1.47 8.80
N TYR A 193 4.22 -1.35 8.06
CA TYR A 193 3.84 -2.32 7.04
C TYR A 193 4.09 -1.74 5.66
N SER A 194 4.61 -2.57 4.76
CA SER A 194 4.79 -2.24 3.35
C SER A 194 5.49 -0.90 3.15
N TYR A 195 4.77 0.05 2.56
CA TYR A 195 5.30 1.39 2.39
C TYR A 195 5.80 1.97 3.72
N GLY A 196 5.20 1.54 4.83
CA GLY A 196 5.59 2.04 6.13
C GLY A 196 7.02 1.70 6.52
N THR A 197 7.63 0.72 5.85
CA THR A 197 9.04 0.44 6.09
C THR A 197 9.95 1.46 5.42
N ARG A 198 9.43 2.23 4.45
CA ARG A 198 10.18 3.37 3.94
C ARG A 198 10.14 4.52 4.94
N ILE A 199 8.99 4.75 5.57
CA ILE A 199 8.95 5.67 6.69
C ILE A 199 9.97 5.24 7.74
N GLY A 200 10.02 3.94 8.03
CA GLY A 200 10.91 3.46 9.07
C GLY A 200 12.36 3.70 8.75
N SER A 201 12.79 3.32 7.55
CA SER A 201 14.20 3.49 7.20
C SER A 201 14.57 4.96 7.04
N ALA A 202 13.65 5.79 6.54
CA ALA A 202 13.90 7.23 6.51
C ALA A 202 14.08 7.78 7.91
N TYR A 203 13.18 7.41 8.83
CA TYR A 203 13.33 7.83 10.22
C TYR A 203 14.64 7.32 10.81
N ALA A 204 14.99 6.06 10.53
CA ALA A 204 16.21 5.50 11.05
C ALA A 204 17.44 6.26 10.59
N GLU A 205 17.40 6.82 9.37
CA GLU A 205 18.55 7.52 8.85
C GLU A 205 18.69 8.91 9.45
N GLU A 206 17.57 9.59 9.67
CA GLU A 206 17.61 10.96 10.17
C GLU A 206 17.63 11.03 11.69
N PHE A 207 17.00 10.07 12.38
CA PHE A 207 16.92 10.07 13.84
C PHE A 207 17.37 8.73 14.42
N PRO A 208 18.54 8.24 14.03
CA PRO A 208 18.99 6.93 14.55
C PRO A 208 19.05 6.90 16.07
N GLN A 209 19.44 8.02 16.69
CA GLN A 209 19.58 8.06 18.14
C GLN A 209 18.25 8.04 18.87
N ARG A 210 17.14 8.14 18.14
CA ARG A 210 15.81 8.16 18.75
C ARG A 210 15.06 6.85 18.59
N VAL A 211 15.67 5.85 17.95
CA VAL A 211 14.98 4.59 17.67
C VAL A 211 15.17 3.64 18.83
N ARG A 212 14.06 3.28 19.49
CA ARG A 212 14.10 2.22 20.49
C ARG A 212 13.95 0.85 19.84
N ALA A 213 12.97 0.69 18.96
CA ALA A 213 12.68 -0.60 18.35
C ALA A 213 11.89 -0.36 17.06
N MET A 214 12.11 -1.25 16.09
CA MET A 214 11.44 -1.14 14.81
C MET A 214 11.14 -2.54 14.27
N ILE A 215 9.87 -2.78 13.95
CA ILE A 215 9.45 -3.96 13.20
C ILE A 215 8.97 -3.47 11.84
N LEU A 216 9.51 -4.05 10.77
CA LEU A 216 9.21 -3.63 9.40
C LEU A 216 8.72 -4.85 8.64
N ASP A 217 7.43 -4.89 8.35
CA ASP A 217 6.74 -6.07 7.81
C ASP A 217 6.30 -5.77 6.38
N GLY A 218 6.91 -6.47 5.41
CA GLY A 218 6.63 -6.20 4.02
C GLY A 218 7.51 -5.07 3.51
N ALA A 219 8.69 -5.40 3.01
CA ALA A 219 9.77 -4.43 2.93
C ALA A 219 9.82 -3.70 1.61
N VAL A 220 10.18 -2.42 1.67
CA VAL A 220 10.53 -1.61 0.52
C VAL A 220 12.05 -1.40 0.56
N ASP A 221 12.72 -1.75 -0.55
CA ASP A 221 14.15 -1.52 -0.68
C ASP A 221 14.36 -0.13 -1.28
N PRO A 222 14.85 0.85 -0.51
CA PRO A 222 14.97 2.21 -1.05
C PRO A 222 16.05 2.35 -2.12
N ASN A 223 16.87 1.34 -2.32
CA ASN A 223 17.91 1.37 -3.35
C ASN A 223 17.48 0.69 -4.64
N ALA A 224 16.23 0.26 -4.73
CA ALA A 224 15.79 -0.48 -5.91
C ALA A 224 15.62 0.45 -7.10
N ASP A 225 15.85 -0.09 -8.28
CA ASP A 225 15.44 0.57 -9.51
C ASP A 225 13.93 0.51 -9.61
N PRO A 226 13.26 1.62 -9.94
CA PRO A 226 11.77 1.60 -9.93
C PRO A 226 11.18 0.60 -10.92
N ILE A 227 11.79 0.42 -12.08
CA ILE A 227 11.21 -0.48 -13.08
C ILE A 227 11.40 -1.92 -12.65
N GLU A 228 12.59 -2.28 -12.16
CA GLU A 228 12.84 -3.65 -11.76
C GLU A 228 12.02 -4.03 -10.53
N ALA A 229 11.78 -3.08 -9.62
CA ALA A 229 10.91 -3.35 -8.50
C ALA A 229 9.48 -3.58 -8.95
N GLU A 230 9.03 -2.80 -9.95
CA GLU A 230 7.70 -3.00 -10.49
C GLU A 230 7.56 -4.36 -11.15
N LEU A 231 8.58 -4.78 -11.90
CA LEU A 231 8.53 -6.09 -12.55
C LEU A 231 8.60 -7.21 -11.52
N ARG A 232 9.39 -7.02 -10.46
CA ARG A 232 9.40 -8.01 -9.39
C ARG A 232 8.05 -8.08 -8.70
N GLN A 233 7.33 -6.96 -8.63
CA GLN A 233 5.98 -6.98 -8.07
C GLN A 233 5.00 -7.65 -9.02
N ALA A 234 5.18 -7.45 -10.33
CA ALA A 234 4.37 -8.18 -11.30
C ALA A 234 4.59 -9.69 -11.14
N LYS A 235 5.85 -10.10 -11.02
CA LYS A 235 6.15 -11.51 -10.81
C LYS A 235 5.56 -12.00 -9.49
N GLY A 236 5.56 -11.15 -8.46
CA GLY A 236 4.98 -11.55 -7.19
C GLY A 236 3.50 -11.85 -7.30
N PHE A 237 2.77 -11.03 -8.05
CA PHE A 237 1.34 -11.27 -8.20
C PHE A 237 1.05 -12.44 -9.14
N GLN A 238 1.89 -12.68 -10.13
CA GLN A 238 1.72 -13.88 -10.94
C GLN A 238 2.00 -15.13 -10.13
N ASP A 239 3.04 -15.09 -9.29
CA ASP A 239 3.29 -16.21 -8.38
C ASP A 239 2.10 -16.46 -7.47
N ALA A 240 1.52 -15.39 -6.93
CA ALA A 240 0.35 -15.53 -6.06
C ALA A 240 -0.84 -16.06 -6.85
N PHE A 241 -1.06 -15.54 -8.05
CA PHE A 241 -2.11 -16.08 -8.92
C PHE A 241 -1.91 -17.57 -9.13
N ASN A 242 -0.66 -17.99 -9.39
CA ASN A 242 -0.39 -19.40 -9.62
C ASN A 242 -0.69 -20.23 -8.37
N ASN A 243 -0.34 -19.71 -7.19
CA ASN A 243 -0.62 -20.44 -5.96
C ASN A 243 -2.12 -20.51 -5.69
N TYR A 244 -2.83 -19.41 -5.95
CA TYR A 244 -4.28 -19.43 -5.84
C TYR A 244 -4.89 -20.46 -6.77
N ALA A 245 -4.39 -20.53 -8.01
CA ALA A 245 -5.02 -21.39 -9.02
C ALA A 245 -4.69 -22.86 -8.77
N ALA A 246 -3.47 -23.16 -8.31
CA ALA A 246 -3.14 -24.53 -7.96
C ALA A 246 -3.97 -25.00 -6.77
N ASP A 247 -4.24 -24.11 -5.82
CA ASP A 247 -5.14 -24.46 -4.72
C ASP A 247 -6.54 -24.70 -5.25
N CYS A 248 -7.04 -23.77 -6.07
CA CYS A 248 -8.38 -23.89 -6.63
C CYS A 248 -8.55 -25.17 -7.42
N ALA A 249 -7.50 -25.58 -8.15
CA ALA A 249 -7.59 -26.76 -8.99
C ALA A 249 -7.88 -28.02 -8.18
N LYS A 250 -7.46 -28.05 -6.91
CA LYS A 250 -7.73 -29.19 -6.06
C LYS A 250 -9.16 -29.22 -5.55
N ASN A 251 -9.93 -28.16 -5.78
CA ASN A 251 -11.25 -27.99 -5.19
C ASN A 251 -12.34 -28.18 -6.23
N ALA A 252 -13.44 -28.81 -5.81
CA ALA A 252 -14.55 -29.05 -6.71
C ALA A 252 -15.08 -27.73 -7.27
N GLY A 253 -15.38 -27.74 -8.57
CA GLY A 253 -15.98 -26.60 -9.21
C GLY A 253 -15.06 -25.44 -9.51
N CYS A 254 -13.75 -25.64 -9.43
CA CYS A 254 -12.82 -24.54 -9.66
C CYS A 254 -13.17 -23.84 -10.98
N PRO A 255 -13.47 -22.54 -10.96
CA PRO A 255 -13.82 -21.86 -12.22
C PRO A 255 -12.66 -21.71 -13.17
N LEU A 256 -11.43 -21.93 -12.73
CA LEU A 256 -10.27 -21.91 -13.62
C LEU A 256 -9.88 -23.31 -14.09
N GLY A 257 -10.66 -24.33 -13.75
CA GLY A 257 -10.38 -25.69 -14.18
C GLY A 257 -9.46 -26.41 -13.22
N ALA A 258 -9.31 -27.72 -13.46
CA ALA A 258 -8.51 -28.59 -12.62
C ALA A 258 -7.06 -28.70 -13.07
N ASP A 259 -6.67 -28.05 -14.16
CA ASP A 259 -5.29 -28.09 -14.65
C ASP A 259 -4.66 -26.71 -14.45
N PRO A 260 -3.85 -26.52 -13.41
CA PRO A 260 -3.31 -25.17 -13.16
C PRO A 260 -2.41 -24.66 -14.26
N ALA A 261 -1.88 -25.53 -15.13
CA ALA A 261 -1.08 -25.06 -16.25
C ALA A 261 -1.92 -24.24 -17.23
N LYS A 262 -3.25 -24.42 -17.23
CA LYS A 262 -4.14 -23.70 -18.12
C LYS A 262 -4.94 -22.62 -17.40
N ALA A 263 -4.64 -22.35 -16.14
CA ALA A 263 -5.46 -21.43 -15.36
C ALA A 263 -5.42 -20.01 -15.92
N VAL A 264 -4.24 -19.56 -16.38
CA VAL A 264 -4.15 -18.23 -16.97
C VAL A 264 -5.01 -18.16 -18.22
N GLU A 265 -4.94 -19.20 -19.06
CA GLU A 265 -5.78 -19.28 -20.26
C GLU A 265 -7.25 -19.19 -19.91
N VAL A 266 -7.70 -20.03 -18.96
CA VAL A 266 -9.11 -20.05 -18.60
C VAL A 266 -9.52 -18.72 -17.98
N TYR A 267 -8.65 -18.15 -17.14
CA TYR A 267 -8.90 -16.83 -16.57
C TYR A 267 -9.21 -15.82 -17.67
N HIS A 268 -8.37 -15.79 -18.70
CA HIS A 268 -8.58 -14.83 -19.78
C HIS A 268 -9.83 -15.14 -20.59
N SER A 269 -10.21 -16.42 -20.69
CA SER A 269 -11.48 -16.75 -21.32
C SER A 269 -12.66 -16.17 -20.54
N LEU A 270 -12.46 -15.82 -19.27
CA LEU A 270 -13.52 -15.27 -18.44
C LEU A 270 -13.54 -13.75 -18.45
N VAL A 271 -12.37 -13.10 -18.46
CA VAL A 271 -12.30 -11.65 -18.34
C VAL A 271 -12.21 -10.98 -19.70
N ASP A 272 -11.53 -11.62 -20.65
CA ASP A 272 -11.35 -10.97 -21.95
C ASP A 272 -12.66 -10.62 -22.63
N PRO A 273 -13.73 -11.43 -22.56
CA PRO A 273 -15.00 -11.02 -23.18
C PRO A 273 -15.59 -9.74 -22.60
N LEU A 274 -15.08 -9.24 -21.48
CA LEU A 274 -15.50 -7.94 -20.97
C LEU A 274 -14.99 -6.79 -21.83
N VAL A 275 -14.17 -7.08 -22.85
CA VAL A 275 -13.67 -6.08 -23.80
C VAL A 275 -14.21 -6.45 -25.18
N ASP A 276 -14.76 -5.47 -25.88
CA ASP A 276 -15.18 -5.67 -27.26
C ASP A 276 -14.00 -6.19 -28.08
N PRO A 277 -14.09 -7.39 -28.67
CA PRO A 277 -12.92 -7.94 -29.37
C PRO A 277 -12.51 -7.17 -30.62
N ASP A 278 -13.38 -6.32 -31.16
CA ASP A 278 -13.05 -5.54 -32.35
C ASP A 278 -12.70 -4.09 -32.05
N ASN A 279 -13.02 -3.60 -30.85
CA ASN A 279 -12.65 -2.25 -30.44
C ASN A 279 -12.20 -2.30 -28.98
N PRO A 280 -10.89 -2.26 -28.73
CA PRO A 280 -10.41 -2.41 -27.34
C PRO A 280 -10.85 -1.29 -26.41
N ARG A 281 -11.38 -0.18 -26.94
CA ARG A 281 -11.86 0.91 -26.09
C ARG A 281 -13.28 0.68 -25.58
N ILE A 282 -14.00 -0.32 -26.07
CA ILE A 282 -15.42 -0.53 -25.75
C ILE A 282 -15.52 -1.59 -24.66
N SER A 283 -16.18 -1.23 -23.56
CA SER A 283 -16.41 -2.17 -22.47
C SER A 283 -17.70 -2.95 -22.72
N ARG A 284 -17.67 -4.24 -22.38
CA ARG A 284 -18.86 -5.10 -22.38
C ARG A 284 -19.01 -5.64 -20.97
N PRO A 285 -19.46 -4.81 -20.02
CA PRO A 285 -19.36 -5.20 -18.61
C PRO A 285 -20.26 -6.37 -18.26
N ALA A 286 -19.78 -7.19 -17.34
CA ALA A 286 -20.60 -8.27 -16.82
C ALA A 286 -21.71 -7.69 -15.96
N ARG A 287 -22.86 -8.36 -15.99
CA ARG A 287 -24.02 -7.87 -15.25
C ARG A 287 -23.76 -7.90 -13.75
N THR A 288 -24.21 -6.85 -13.06
CA THR A 288 -24.17 -6.78 -11.62
C THR A 288 -25.47 -6.13 -11.14
N LYS A 289 -25.80 -6.37 -9.87
CA LYS A 289 -26.90 -5.63 -9.27
C LYS A 289 -26.57 -4.13 -9.17
N ASP A 290 -25.30 -3.81 -8.95
CA ASP A 290 -24.84 -2.43 -9.06
C ASP A 290 -25.06 -1.94 -10.49
N PRO A 291 -25.41 -0.66 -10.69
CA PRO A 291 -25.62 -0.17 -12.06
C PRO A 291 -24.36 -0.15 -12.91
N ARG A 292 -23.18 -0.27 -12.32
CA ARG A 292 -21.96 -0.11 -13.08
C ARG A 292 -21.63 -1.31 -13.95
N GLY A 293 -21.97 -2.51 -13.49
CA GLY A 293 -21.45 -3.72 -14.10
C GLY A 293 -19.95 -3.83 -13.81
N LEU A 294 -19.36 -4.89 -14.37
CA LEU A 294 -17.95 -5.21 -14.13
C LEU A 294 -17.16 -5.00 -15.40
N SER A 295 -16.31 -3.98 -15.40
CA SER A 295 -15.38 -3.74 -16.49
C SER A 295 -14.19 -4.69 -16.41
N TYR A 296 -13.47 -4.80 -17.53
CA TYR A 296 -12.24 -5.59 -17.54
C TYR A 296 -11.25 -5.06 -16.51
N SER A 297 -11.07 -3.75 -16.45
CA SER A 297 -10.08 -3.17 -15.54
C SER A 297 -10.45 -3.45 -14.09
N ASP A 298 -11.74 -3.35 -13.75
CA ASP A 298 -12.16 -3.68 -12.38
C ASP A 298 -12.00 -5.17 -12.10
N ALA A 299 -12.20 -6.01 -13.11
CA ALA A 299 -11.97 -7.44 -12.92
C ALA A 299 -10.51 -7.71 -12.55
N ILE A 300 -9.57 -7.10 -13.27
CA ILE A 300 -8.16 -7.27 -12.96
C ILE A 300 -7.86 -6.73 -11.56
N VAL A 301 -8.38 -5.53 -11.26
CA VAL A 301 -8.15 -4.93 -9.95
C VAL A 301 -8.71 -5.81 -8.84
N GLY A 302 -9.93 -6.32 -9.03
CA GLY A 302 -10.51 -7.18 -8.02
C GLY A 302 -9.73 -8.46 -7.81
N THR A 303 -9.14 -8.99 -8.88
CA THR A 303 -8.27 -10.16 -8.77
C THR A 303 -7.01 -9.82 -7.98
N ILE A 304 -6.41 -8.68 -8.28
CA ILE A 304 -5.22 -8.24 -7.55
C ILE A 304 -5.53 -8.10 -6.06
N MET A 305 -6.68 -7.49 -5.74
CA MET A 305 -7.06 -7.34 -4.34
C MET A 305 -7.10 -8.70 -3.64
N ALA A 306 -7.72 -9.70 -4.27
CA ALA A 306 -7.89 -10.99 -3.63
C ALA A 306 -6.55 -11.68 -3.40
N LEU A 307 -5.55 -11.40 -4.23
CA LEU A 307 -4.25 -12.06 -4.09
C LEU A 307 -3.41 -11.46 -2.97
N TYR A 308 -3.92 -10.47 -2.25
CA TYR A 308 -3.22 -9.95 -1.09
C TYR A 308 -3.23 -10.94 0.08
N SER A 309 -4.20 -11.86 0.13
CA SER A 309 -4.31 -12.76 1.27
C SER A 309 -5.08 -14.00 0.87
N PRO A 310 -4.69 -15.19 1.35
CA PRO A 310 -5.53 -16.38 1.10
C PRO A 310 -6.93 -16.26 1.68
N ASN A 311 -7.12 -15.38 2.67
CA ASN A 311 -8.46 -15.19 3.22
C ASN A 311 -9.43 -14.60 2.19
N LEU A 312 -8.93 -14.05 1.09
CA LEU A 312 -9.77 -13.52 0.02
C LEU A 312 -9.86 -14.45 -1.18
N TRP A 313 -9.20 -15.61 -1.14
CA TRP A 313 -9.22 -16.52 -2.28
C TRP A 313 -10.61 -17.04 -2.56
N GLN A 314 -11.37 -17.37 -1.51
CA GLN A 314 -12.76 -17.79 -1.70
C GLN A 314 -13.53 -16.75 -2.50
N HIS A 315 -13.30 -15.47 -2.21
CA HIS A 315 -14.01 -14.41 -2.91
C HIS A 315 -13.61 -14.35 -4.38
N LEU A 316 -12.32 -14.56 -4.68
CA LEU A 316 -11.90 -14.60 -6.08
C LEU A 316 -12.58 -15.76 -6.80
N THR A 317 -12.65 -16.91 -6.15
CA THR A 317 -13.33 -18.06 -6.75
C THR A 317 -14.81 -17.77 -6.98
N ASP A 318 -15.48 -17.18 -5.99
CA ASP A 318 -16.87 -16.75 -6.20
C ASP A 318 -16.95 -15.79 -7.37
N GLY A 319 -16.01 -14.84 -7.47
CA GLY A 319 -16.08 -13.85 -8.52
C GLY A 319 -15.88 -14.45 -9.91
N LEU A 320 -14.99 -15.43 -10.01
CA LEU A 320 -14.75 -16.07 -11.31
C LEU A 320 -15.89 -17.02 -11.66
N SER A 321 -16.47 -17.70 -10.68
CA SER A 321 -17.66 -18.52 -10.95
C SER A 321 -18.81 -17.65 -11.45
N GLU A 322 -18.98 -16.46 -10.88
CA GLU A 322 -19.98 -15.53 -11.40
C GLU A 322 -19.71 -15.19 -12.86
N LEU A 323 -18.43 -15.00 -13.22
CA LEU A 323 -18.10 -14.59 -14.57
C LEU A 323 -18.40 -15.69 -15.58
N VAL A 324 -18.34 -16.95 -15.16
CA VAL A 324 -18.78 -18.04 -16.03
C VAL A 324 -20.21 -17.79 -16.51
N ASP A 325 -21.04 -17.19 -15.64
CA ASP A 325 -22.42 -16.85 -15.99
C ASP A 325 -22.57 -15.39 -16.38
N ASN A 326 -21.48 -14.73 -16.75
CA ASN A 326 -21.49 -13.31 -17.11
C ASN A 326 -22.13 -12.46 -16.02
N ARG A 327 -21.75 -12.73 -14.77
CA ARG A 327 -22.05 -11.87 -13.63
C ARG A 327 -20.73 -11.42 -13.02
N GLY A 328 -20.75 -10.25 -12.38
CA GLY A 328 -19.52 -9.67 -11.88
C GLY A 328 -19.58 -9.03 -10.51
N ASP A 329 -20.57 -9.40 -9.70
CA ASP A 329 -20.83 -8.70 -8.45
C ASP A 329 -19.64 -8.79 -7.50
N THR A 330 -19.10 -9.99 -7.30
CA THR A 330 -18.06 -10.17 -6.29
C THR A 330 -16.75 -9.53 -6.72
N LEU A 331 -16.38 -9.67 -7.99
CA LEU A 331 -15.16 -9.00 -8.45
C LEU A 331 -15.32 -7.49 -8.36
N LEU A 332 -16.52 -6.97 -8.60
CA LEU A 332 -16.74 -5.54 -8.46
C LEU A 332 -16.55 -5.10 -7.01
N ALA A 333 -17.07 -5.89 -6.06
CA ALA A 333 -16.91 -5.54 -4.65
C ALA A 333 -15.45 -5.62 -4.22
N LEU A 334 -14.71 -6.61 -4.73
CA LEU A 334 -13.28 -6.67 -4.47
C LEU A 334 -12.56 -5.45 -5.02
N ALA A 335 -12.94 -5.01 -6.23
CA ALA A 335 -12.33 -3.80 -6.77
C ALA A 335 -12.69 -2.58 -5.93
N ASP A 336 -13.94 -2.52 -5.44
CA ASP A 336 -14.34 -1.41 -4.57
C ASP A 336 -13.54 -1.41 -3.28
N MET A 337 -13.20 -2.59 -2.76
CA MET A 337 -12.36 -2.65 -1.58
C MET A 337 -10.96 -2.13 -1.88
N TYR A 338 -10.41 -2.52 -3.02
CA TYR A 338 -9.10 -2.01 -3.42
C TYR A 338 -9.12 -0.50 -3.56
N MET A 339 -10.15 0.05 -4.24
CA MET A 339 -10.26 1.48 -4.48
C MET A 339 -10.80 2.26 -3.28
N ARG A 340 -11.33 1.57 -2.27
CA ARG A 340 -11.95 2.21 -1.11
C ARG A 340 -13.12 3.10 -1.54
N ARG A 341 -14.01 2.53 -2.35
CA ARG A 341 -15.27 3.14 -2.72
C ARG A 341 -16.35 2.51 -1.83
N ASP A 342 -17.02 3.34 -1.03
CA ASP A 342 -17.99 2.81 -0.07
C ASP A 342 -19.32 2.55 -0.75
N SER A 343 -20.29 2.08 0.03
CA SER A 343 -21.58 1.65 -0.51
C SER A 343 -22.41 2.81 -1.03
N HIS A 344 -22.02 4.05 -0.77
CA HIS A 344 -22.70 5.23 -1.30
C HIS A 344 -21.95 5.83 -2.48
N GLY A 345 -20.95 5.14 -3.01
CA GLY A 345 -20.20 5.63 -4.14
C GLY A 345 -19.12 6.63 -3.80
N ARG A 346 -18.80 6.81 -2.53
CA ARG A 346 -17.82 7.79 -2.09
C ARG A 346 -16.46 7.11 -1.94
N TYR A 347 -15.43 7.71 -2.54
CA TYR A 347 -14.06 7.26 -2.37
C TYR A 347 -13.43 8.01 -1.19
N ASN A 348 -12.63 7.30 -0.41
CA ASN A 348 -11.69 8.02 0.45
C ASN A 348 -10.50 8.47 -0.38
N ASN A 349 -9.61 9.25 0.23
CA ASN A 349 -8.54 9.90 -0.52
C ASN A 349 -7.28 9.05 -0.64
N SER A 350 -7.37 7.75 -0.32
CA SER A 350 -6.17 6.91 -0.34
C SER A 350 -5.57 6.83 -1.75
N GLY A 351 -6.43 6.71 -2.77
CA GLY A 351 -5.92 6.63 -4.14
C GLY A 351 -5.17 7.88 -4.56
N ASP A 352 -5.75 9.05 -4.32
CA ASP A 352 -5.08 10.29 -4.71
C ASP A 352 -3.82 10.52 -3.89
N ALA A 353 -3.89 10.26 -2.58
CA ALA A 353 -2.72 10.44 -1.73
C ALA A 353 -1.60 9.48 -2.14
N ARG A 354 -1.96 8.23 -2.46
CA ARG A 354 -0.95 7.25 -2.84
C ARG A 354 -0.10 7.76 -4.01
N VAL A 355 -0.76 8.28 -5.04
CA VAL A 355 -0.02 8.79 -6.20
C VAL A 355 0.86 9.95 -5.79
N ALA A 356 0.28 10.95 -5.11
CA ALA A 356 1.01 12.18 -4.82
C ALA A 356 2.23 11.90 -3.94
N ILE A 357 2.13 10.94 -3.03
CA ILE A 357 3.27 10.59 -2.18
C ILE A 357 4.30 9.81 -2.99
N ASN A 358 3.85 8.83 -3.76
CA ASN A 358 4.77 8.02 -4.55
C ASN A 358 5.58 8.87 -5.52
N CYS A 359 4.96 9.91 -6.08
CA CYS A 359 5.60 10.66 -7.16
C CYS A 359 6.71 11.59 -6.65
N VAL A 360 6.76 11.89 -5.35
CA VAL A 360 7.84 12.71 -4.81
C VAL A 360 8.87 11.89 -4.05
N ASP A 361 8.64 10.59 -3.87
CA ASP A 361 9.54 9.77 -3.09
C ASP A 361 10.72 9.21 -3.89
N GLN A 362 10.74 9.39 -5.21
CA GLN A 362 11.89 9.02 -6.02
C GLN A 362 11.73 9.63 -7.41
N PRO A 363 12.82 9.75 -8.17
CA PRO A 363 12.72 10.26 -9.55
C PRO A 363 11.82 9.39 -10.39
N PRO A 364 10.85 9.98 -11.09
CA PRO A 364 9.95 9.19 -11.93
C PRO A 364 10.66 8.71 -13.19
N VAL A 365 10.11 7.64 -13.77
CA VAL A 365 10.58 7.13 -15.05
C VAL A 365 9.93 7.95 -16.16
N THR A 366 10.74 8.61 -16.97
CA THR A 366 10.24 9.43 -18.07
C THR A 366 10.68 8.94 -19.45
N ASP A 367 11.53 7.93 -19.53
CA ASP A 367 12.03 7.46 -20.81
C ASP A 367 11.02 6.54 -21.48
N ARG A 368 10.62 6.87 -22.71
CA ARG A 368 9.58 6.10 -23.39
C ARG A 368 10.04 4.68 -23.66
N ASP A 369 11.29 4.49 -24.10
CA ASP A 369 11.77 3.16 -24.42
C ASP A 369 11.77 2.25 -23.20
N LYS A 370 12.18 2.77 -22.04
CA LYS A 370 12.18 1.96 -20.83
C LYS A 370 10.76 1.53 -20.47
N VAL A 371 9.80 2.46 -20.57
CA VAL A 371 8.41 2.13 -20.27
C VAL A 371 7.88 1.09 -21.24
N ILE A 372 8.19 1.26 -22.54
CA ILE A 372 7.75 0.27 -23.53
C ILE A 372 8.39 -1.09 -23.24
N ASP A 373 9.70 -1.11 -23.01
CA ASP A 373 10.36 -2.37 -22.67
C ASP A 373 9.78 -2.98 -21.41
N GLU A 374 9.41 -2.13 -20.43
CA GLU A 374 8.83 -2.67 -19.20
C GLU A 374 7.53 -3.40 -19.49
N ASP A 375 6.69 -2.84 -20.37
CA ASP A 375 5.43 -3.49 -20.71
C ASP A 375 5.68 -4.80 -21.44
N ARG A 376 6.65 -4.81 -22.37
CA ARG A 376 6.99 -6.05 -23.05
C ARG A 376 7.35 -7.14 -22.05
N ARG A 377 8.15 -6.81 -21.04
CA ARG A 377 8.57 -7.81 -20.07
C ARG A 377 7.44 -8.17 -19.12
N ALA A 378 6.63 -7.19 -18.71
CA ALA A 378 5.54 -7.47 -17.78
C ALA A 378 4.53 -8.43 -18.41
N ARG A 379 4.28 -8.29 -19.70
CA ARG A 379 3.33 -9.19 -20.37
C ARG A 379 3.79 -10.63 -20.27
N GLU A 380 5.11 -10.87 -20.34
CA GLU A 380 5.63 -12.22 -20.23
C GLU A 380 5.72 -12.68 -18.79
N ILE A 381 5.97 -11.76 -17.85
CA ILE A 381 6.17 -12.12 -16.46
C ILE A 381 4.84 -12.38 -15.76
N ALA A 382 3.81 -11.58 -16.08
CA ALA A 382 2.52 -11.61 -15.40
C ALA A 382 1.41 -11.65 -16.44
N PRO A 383 1.31 -12.73 -17.20
CA PRO A 383 0.30 -12.77 -18.28
C PRO A 383 -1.13 -12.67 -17.79
N PHE A 384 -1.44 -13.10 -16.57
CA PHE A 384 -2.81 -12.95 -16.06
C PHE A 384 -3.27 -11.50 -16.10
N MET A 385 -2.32 -10.56 -16.10
CA MET A 385 -2.60 -9.14 -15.98
C MET A 385 -2.55 -8.38 -17.28
N SER A 386 -2.31 -9.06 -18.40
CA SER A 386 -2.13 -8.39 -19.68
C SER A 386 -3.16 -8.89 -20.68
N TYR A 387 -3.66 -7.97 -21.50
CA TYR A 387 -4.69 -8.24 -22.49
C TYR A 387 -4.06 -8.18 -23.88
N GLY A 388 -4.35 -9.18 -24.70
CA GLY A 388 -3.88 -9.17 -26.08
C GLY A 388 -2.36 -9.28 -26.17
N LYS A 389 -1.82 -8.63 -27.19
CA LYS A 389 -0.40 -8.73 -27.53
C LYS A 389 0.31 -7.40 -27.30
N PHE A 390 1.63 -7.50 -27.11
CA PHE A 390 2.50 -6.33 -27.11
C PHE A 390 2.25 -5.50 -28.36
N THR A 391 2.02 -4.20 -28.16
CA THR A 391 1.76 -3.28 -29.27
C THR A 391 2.98 -2.53 -29.77
N GLY A 392 4.07 -2.52 -28.99
CA GLY A 392 5.19 -1.65 -29.28
C GLY A 392 5.08 -0.28 -28.66
N ASP A 393 3.98 0.00 -27.96
CA ASP A 393 3.79 1.27 -27.28
C ASP A 393 3.19 0.99 -25.91
N ALA A 394 3.41 1.91 -24.98
CA ALA A 394 2.87 1.82 -23.63
C ALA A 394 2.83 3.22 -23.03
N PRO A 395 1.93 3.48 -22.10
CA PRO A 395 1.81 4.83 -21.53
C PRO A 395 2.82 5.09 -20.44
N LEU A 396 3.26 6.34 -20.37
CA LEU A 396 4.04 6.80 -19.22
C LEU A 396 3.16 6.77 -17.98
N GLY A 397 3.80 6.60 -16.83
CA GLY A 397 3.08 6.64 -15.57
C GLY A 397 2.77 8.07 -15.13
N THR A 398 1.91 8.16 -14.12
CA THR A 398 1.44 9.47 -13.67
C THR A 398 2.59 10.35 -13.19
N CYS A 399 3.59 9.76 -12.54
CA CYS A 399 4.66 10.56 -11.98
C CYS A 399 5.53 11.19 -13.04
N ALA A 400 5.56 10.64 -14.25
CA ALA A 400 6.31 11.26 -15.33
C ALA A 400 5.80 12.66 -15.64
N PHE A 401 4.56 12.96 -15.25
CA PHE A 401 3.96 14.27 -15.48
C PHE A 401 3.88 15.11 -14.21
N TRP A 402 4.51 14.66 -13.12
CA TRP A 402 4.30 15.32 -11.84
C TRP A 402 4.94 16.71 -11.84
N PRO A 403 4.29 17.71 -11.25
CA PRO A 403 4.77 19.09 -11.36
C PRO A 403 5.69 19.55 -10.24
N VAL A 404 6.05 18.69 -9.29
CA VAL A 404 6.99 19.04 -8.24
C VAL A 404 8.05 17.95 -8.16
N PRO A 405 9.29 18.27 -7.80
CA PRO A 405 10.39 17.31 -7.96
C PRO A 405 10.45 16.32 -6.81
N PRO A 406 11.21 15.25 -6.98
CA PRO A 406 11.35 14.28 -5.89
C PRO A 406 12.12 14.86 -4.72
N THR A 407 11.75 14.41 -3.53
CA THR A 407 12.41 14.81 -2.29
C THR A 407 13.22 13.67 -1.67
N SER A 408 13.27 12.51 -2.34
CA SER A 408 14.14 11.42 -1.95
C SER A 408 14.76 10.82 -3.20
N GLN A 409 15.93 10.20 -3.05
CA GLN A 409 16.67 9.59 -4.14
C GLN A 409 17.02 8.16 -3.75
N PRO A 410 16.88 7.20 -4.67
CA PRO A 410 17.22 5.81 -4.32
C PRO A 410 18.64 5.70 -3.78
N HIS A 411 18.78 4.94 -2.70
CA HIS A 411 20.06 4.73 -2.06
C HIS A 411 19.90 3.59 -1.07
N ALA A 412 21.02 2.99 -0.69
CA ALA A 412 21.01 1.94 0.32
C ALA A 412 20.96 2.55 1.70
N VAL A 413 20.11 1.98 2.57
CA VAL A 413 19.97 2.55 3.90
C VAL A 413 21.30 2.52 4.62
N SER A 414 21.69 3.67 5.17
CA SER A 414 22.93 3.80 5.92
C SER A 414 22.60 4.45 7.26
N ALA A 415 22.50 3.63 8.31
CA ALA A 415 22.25 4.10 9.67
C ALA A 415 23.10 3.28 10.63
N PRO A 416 24.42 3.52 10.62
CA PRO A 416 25.33 2.60 11.34
C PRO A 416 25.08 2.51 12.84
N GLY A 417 24.60 3.56 13.47
CA GLY A 417 24.38 3.48 14.90
C GLY A 417 23.06 2.88 15.31
N LEU A 418 22.26 2.41 14.34
CA LEU A 418 20.89 1.99 14.64
C LEU A 418 20.87 0.73 15.48
N VAL A 419 19.94 0.69 16.44
CA VAL A 419 19.71 -0.49 17.26
C VAL A 419 19.30 -1.65 16.34
N PRO A 420 19.46 -2.89 16.77
CA PRO A 420 18.95 -4.01 15.96
C PRO A 420 17.45 -3.88 15.72
N THR A 421 17.05 -4.07 14.47
CA THR A 421 15.66 -4.03 14.05
C THR A 421 15.27 -5.39 13.49
N VAL A 422 13.97 -5.58 13.28
CA VAL A 422 13.43 -6.84 12.77
C VAL A 422 12.66 -6.53 11.49
N VAL A 423 13.07 -7.16 10.40
CA VAL A 423 12.35 -7.10 9.13
C VAL A 423 11.61 -8.43 8.96
N VAL A 424 10.30 -8.36 8.77
CA VAL A 424 9.47 -9.53 8.54
C VAL A 424 9.17 -9.63 7.06
N SER A 425 9.47 -10.78 6.47
CA SER A 425 9.34 -10.97 5.02
C SER A 425 8.65 -12.29 4.73
N THR A 426 7.62 -12.24 3.90
CA THR A 426 6.82 -13.43 3.58
C THR A 426 7.29 -14.00 2.24
N THR A 427 7.44 -15.32 2.21
CA THR A 427 8.17 -15.97 1.12
C THR A 427 7.54 -15.70 -0.23
N HIS A 428 6.22 -15.61 -0.30
CA HIS A 428 5.52 -15.37 -1.56
C HIS A 428 4.59 -14.17 -1.43
N ASP A 429 5.06 -13.13 -0.76
CA ASP A 429 4.38 -11.85 -0.71
C ASP A 429 4.32 -11.25 -2.11
N PRO A 430 3.12 -10.97 -2.65
CA PRO A 430 3.05 -10.42 -4.01
C PRO A 430 3.38 -8.94 -4.11
N ALA A 431 3.08 -8.18 -3.05
CA ALA A 431 3.20 -6.72 -3.11
C ALA A 431 4.59 -6.25 -2.72
N THR A 432 5.20 -6.85 -1.71
CA THR A 432 6.59 -6.57 -1.30
C THR A 432 7.28 -7.92 -1.23
N PRO A 433 7.88 -8.38 -2.33
CA PRO A 433 8.41 -9.75 -2.37
C PRO A 433 9.43 -10.04 -1.29
N TYR A 434 9.68 -11.35 -1.10
CA TYR A 434 10.53 -11.81 -0.01
C TYR A 434 11.92 -11.20 -0.05
N LYS A 435 12.56 -11.25 -1.23
CA LYS A 435 13.96 -10.84 -1.29
C LYS A 435 14.13 -9.37 -0.93
N ALA A 436 13.11 -8.53 -1.20
CA ALA A 436 13.21 -7.13 -0.81
C ALA A 436 13.37 -7.00 0.70
N GLY A 437 12.78 -7.91 1.47
CA GLY A 437 13.00 -7.90 2.91
C GLY A 437 14.38 -8.37 3.30
N VAL A 438 14.91 -9.35 2.57
CA VAL A 438 16.29 -9.78 2.80
C VAL A 438 17.24 -8.61 2.56
N ASP A 439 17.03 -7.87 1.48
CA ASP A 439 17.91 -6.76 1.15
C ASP A 439 17.78 -5.64 2.18
N LEU A 440 16.56 -5.32 2.60
CA LEU A 440 16.38 -4.25 3.58
C LEU A 440 17.04 -4.62 4.91
N ALA A 441 16.85 -5.86 5.36
CA ALA A 441 17.49 -6.30 6.60
C ALA A 441 19.00 -6.20 6.50
N ASN A 442 19.56 -6.54 5.33
CA ASN A 442 21.00 -6.40 5.13
C ASN A 442 21.44 -4.95 5.26
N GLN A 443 20.69 -4.03 4.65
CA GLN A 443 21.07 -2.62 4.70
C GLN A 443 20.98 -2.09 6.13
N LEU A 444 19.97 -2.52 6.89
CA LEU A 444 19.81 -2.09 8.26
C LEU A 444 20.71 -2.83 9.24
N ARG A 445 21.43 -3.86 8.78
CA ARG A 445 22.18 -4.73 9.67
C ARG A 445 21.28 -5.27 10.77
N GLY A 446 20.02 -5.54 10.42
CA GLY A 446 19.04 -6.04 11.35
C GLY A 446 18.76 -7.52 11.17
N SER A 447 17.69 -7.96 11.81
CA SER A 447 17.30 -9.37 11.80
C SER A 447 16.18 -9.59 10.79
N LEU A 448 16.24 -10.73 10.11
CA LEU A 448 15.21 -11.13 9.15
C LEU A 448 14.38 -12.26 9.76
N LEU A 449 13.08 -12.01 9.87
CA LEU A 449 12.11 -13.02 10.31
C LEU A 449 11.30 -13.44 9.09
N THR A 450 11.34 -14.73 8.77
CA THR A 450 10.69 -15.26 7.59
C THR A 450 9.34 -15.87 7.94
N PHE A 451 8.35 -15.58 7.10
CA PHE A 451 7.04 -16.20 7.20
C PHE A 451 6.73 -16.88 5.87
N ASP A 452 6.49 -18.19 5.90
CA ASP A 452 6.15 -18.94 4.70
C ASP A 452 4.66 -18.76 4.42
N GLY A 453 4.34 -18.13 3.30
CA GLY A 453 2.95 -17.87 2.94
C GLY A 453 2.88 -17.09 1.66
N THR A 454 1.64 -16.92 1.17
CA THR A 454 1.35 -16.17 -0.05
C THR A 454 0.40 -15.04 0.34
N GLN A 455 0.95 -14.00 0.95
CA GLN A 455 0.16 -12.88 1.44
C GLN A 455 1.11 -11.70 1.65
N HIS A 456 0.51 -10.51 1.77
CA HIS A 456 1.25 -9.28 2.02
C HIS A 456 1.08 -8.92 3.50
N THR A 457 2.19 -8.96 4.25
CA THR A 457 2.27 -8.67 5.69
C THR A 457 1.67 -9.81 6.51
N VAL A 458 2.03 -9.88 7.79
CA VAL A 458 1.59 -10.99 8.64
C VAL A 458 1.54 -10.60 10.11
N VAL A 459 2.25 -9.55 10.50
CA VAL A 459 2.37 -9.23 11.91
C VAL A 459 1.02 -8.83 12.49
N PHE A 460 0.72 -9.34 13.68
CA PHE A 460 -0.53 -9.05 14.38
C PHE A 460 -1.74 -9.40 13.51
N GLN A 461 -1.68 -10.55 12.85
CA GLN A 461 -2.76 -11.00 11.99
C GLN A 461 -3.01 -12.50 12.17
N GLY A 462 -2.92 -12.97 13.41
CA GLY A 462 -3.37 -14.31 13.76
C GLY A 462 -2.32 -15.38 13.86
N ASP A 463 -1.05 -15.09 13.58
CA ASP A 463 0.02 -16.08 13.65
C ASP A 463 0.79 -15.90 14.96
N SER A 464 0.68 -16.88 15.85
CA SER A 464 1.31 -16.75 17.15
C SER A 464 2.83 -16.89 17.07
N CYS A 465 3.34 -17.67 16.12
CA CYS A 465 4.79 -17.75 15.93
C CYS A 465 5.37 -16.37 15.63
N ILE A 466 4.80 -15.67 14.65
CA ILE A 466 5.28 -14.34 14.30
C ILE A 466 5.07 -13.40 15.48
N ASP A 467 3.86 -13.38 16.05
CA ASP A 467 3.52 -12.42 17.09
C ASP A 467 4.37 -12.63 18.34
N GLU A 468 4.74 -13.88 18.66
CA GLU A 468 5.57 -14.11 19.83
C GLU A 468 6.97 -13.54 19.65
N TYR A 469 7.55 -13.72 18.46
CA TYR A 469 8.83 -13.07 18.17
C TYR A 469 8.70 -11.56 18.30
N VAL A 470 7.63 -10.98 17.75
CA VAL A 470 7.48 -9.53 17.74
C VAL A 470 7.31 -9.01 19.16
N THR A 471 6.51 -9.71 19.96
CA THR A 471 6.27 -9.28 21.34
C THR A 471 7.56 -9.28 22.14
N ALA A 472 8.35 -10.35 22.04
CA ALA A 472 9.60 -10.41 22.77
C ALA A 472 10.56 -9.32 22.34
N TYR A 473 10.55 -8.97 21.05
CA TYR A 473 11.41 -7.89 20.57
C TYR A 473 10.94 -6.54 21.09
N LEU A 474 9.64 -6.29 21.01
CA LEU A 474 9.11 -4.99 21.43
C LEU A 474 9.33 -4.74 22.91
N ILE A 475 9.19 -5.77 23.74
CA ILE A 475 9.25 -5.59 25.18
C ILE A 475 10.68 -5.73 25.70
N GLY A 476 11.39 -6.78 25.27
CA GLY A 476 12.68 -7.09 25.84
C GLY A 476 13.86 -6.82 24.93
N GLY A 477 13.59 -6.39 23.71
CA GLY A 477 14.65 -6.14 22.75
C GLY A 477 15.27 -7.38 22.16
N THR A 478 14.66 -8.55 22.35
CA THR A 478 15.22 -9.81 21.89
C THR A 478 14.92 -9.98 20.40
N THR A 479 16.00 -10.18 19.59
CA THR A 479 15.78 -10.36 18.16
C THR A 479 15.69 -11.86 17.82
N PRO A 480 14.96 -12.22 16.78
CA PRO A 480 14.88 -13.64 16.42
C PRO A 480 16.24 -14.15 16.00
N PRO A 481 16.51 -15.43 16.22
CA PRO A 481 17.78 -15.99 15.75
C PRO A 481 17.86 -15.98 14.24
N SER A 482 19.09 -15.96 13.74
CA SER A 482 19.32 -16.07 12.30
C SER A 482 18.60 -17.30 11.76
N GLY A 483 17.85 -17.09 10.68
CA GLY A 483 17.11 -18.17 10.06
C GLY A 483 15.75 -18.44 10.64
N ALA A 484 15.30 -17.65 11.62
CA ALA A 484 13.99 -17.88 12.22
C ALA A 484 12.91 -17.90 11.15
N LYS A 485 12.04 -18.91 11.23
CA LYS A 485 10.94 -19.10 10.28
C LYS A 485 9.64 -19.35 11.02
N CYS A 486 8.55 -18.89 10.42
CA CYS A 486 7.20 -19.15 10.94
C CYS A 486 6.29 -19.60 9.81
C1 PLM B . -1.20 2.20 -15.53
O1 PLM B . -0.24 2.79 -16.10
O2 PLM B . -1.02 1.09 -14.98
C2 PLM B . -2.59 2.83 -15.52
C3 PLM B . -2.85 3.50 -16.87
C4 PLM B . -4.35 3.54 -17.19
C5 PLM B . -5.12 4.33 -16.13
C6 PLM B . -5.50 5.72 -16.63
C7 PLM B . -4.44 6.73 -16.21
C8 PLM B . -5.11 8.09 -16.06
C9 PLM B . -5.51 8.26 -14.60
CA PLM B . -4.31 8.74 -13.79
CB PLM B . -4.76 8.91 -12.35
CC PLM B . -4.08 7.90 -11.42
CD PLM B . -5.06 6.80 -11.05
CE PLM B . -6.10 7.34 -10.05
CF PLM B . -6.78 6.17 -9.34
CG PLM B . -5.88 5.63 -8.23
H21 PLM B . -3.33 2.06 -15.34
H22 PLM B . -2.64 3.58 -14.74
H31 PLM B . -2.46 4.51 -16.84
H32 PLM B . -2.33 2.93 -17.65
H41 PLM B . -4.73 2.53 -17.24
H42 PLM B . -4.49 4.02 -18.16
H51 PLM B . -4.50 4.42 -15.25
H52 PLM B . -6.02 3.78 -15.88
H61 PLM B . -5.56 5.70 -17.72
H62 PLM B . -6.46 6.00 -16.21
H71 PLM B . -4.00 6.43 -15.27
H72 PLM B . -3.67 6.78 -16.97
H81 PLM B . -4.42 8.87 -16.35
H82 PLM B . -6.00 8.12 -16.68
H91 PLM B . -5.87 7.33 -14.20
H92 PLM B . -6.30 9.01 -14.53
HA1 PLM B . -3.51 8.00 -13.85
HA2 PLM B . -3.95 9.69 -14.19
HB1 PLM B . -4.51 9.92 -12.01
HB2 PLM B . -5.83 8.76 -12.29
HC1 PLM B . -3.74 8.40 -10.52
HC2 PLM B . -3.22 7.46 -11.93
HD1 PLM B . -4.53 5.97 -10.60
HD2 PLM B . -5.58 6.47 -11.94
HE1 PLM B . -6.84 7.92 -10.58
HE2 PLM B . -5.59 7.96 -9.32
HF1 PLM B . -6.99 5.38 -10.06
HF2 PLM B . -7.72 6.52 -8.91
HG1 PLM B . -5.03 5.11 -8.68
HG2 PLM B . -6.44 4.95 -7.61
HG3 PLM B . -5.51 6.45 -7.64
S SO4 C . 17.50 -3.49 -8.71
O1 SO4 C . 18.25 -3.95 -7.54
O2 SO4 C . 16.25 -2.89 -8.27
O3 SO4 C . 18.28 -2.51 -9.45
O4 SO4 C . 17.21 -4.63 -9.57
C1 PEG D . -0.60 -4.06 -7.88
O1 PEG D . -0.15 -3.10 -6.94
C2 PEG D . 0.03 -3.88 -9.23
O2 PEG D . 0.98 -4.92 -9.45
C3 PEG D . 1.48 -4.92 -10.77
C4 PEG D . 2.84 -4.28 -10.83
O4 PEG D . 3.27 -4.15 -12.18
H11 PEG D . -0.38 -4.95 -7.54
H12 PEG D . -1.57 -3.99 -7.97
HO1 PEG D . 0.68 -3.06 -6.85
H21 PEG D . -0.65 -3.92 -9.91
H22 PEG D . 0.48 -3.02 -9.26
H31 PEG D . 1.55 -5.85 -11.08
H32 PEG D . 0.87 -4.44 -11.36
H41 PEG D . 2.79 -3.40 -10.43
H42 PEG D . 3.47 -4.82 -10.35
HO4 PEG D . 2.89 -4.69 -12.72
C1 PEG E . -3.17 -5.68 10.34
O1 PEG E . -4.53 -5.96 10.65
C2 PEG E . -3.02 -4.34 9.68
O2 PEG E . -2.16 -4.46 8.56
C3 PEG E . -2.24 -3.36 7.67
C4 PEG E . -1.47 -3.66 6.41
O4 PEG E . -2.23 -4.45 5.52
H11 PEG E . -2.66 -5.68 11.16
H12 PEG E . -2.83 -6.37 9.74
HO1 PEG E . -4.64 -6.53 11.27
H21 PEG E . -3.88 -4.02 9.40
H22 PEG E . -2.64 -3.71 10.31
H31 PEG E . -3.17 -3.19 7.45
H32 PEG E . -1.86 -2.58 8.10
H41 PEG E . -1.23 -2.83 5.98
H42 PEG E . -0.67 -4.15 6.66
HO4 PEG E . -1.88 -5.20 5.33
#